data_1Z2O
#
_entry.id   1Z2O
#
_cell.length_a   38.189
_cell.length_b   94.294
_cell.length_c   47.351
_cell.angle_alpha   90.00
_cell.angle_beta   110.65
_cell.angle_gamma   90.00
#
_symmetry.space_group_name_H-M   'P 1 21 1'
#
loop_
_entity.id
_entity.type
_entity.pdbx_description
1 polymer 'inositol 1,3,4-trisphosphate 5/6-kinase'
2 non-polymer 'MAGNESIUM ION'
3 non-polymer "ADENOSINE-5'-DIPHOSPHATE"
4 non-polymer (1S,3R,4R,6S)-1,3,4,6-TETRAPKISPHOSPHATE
5 water water
#
_entity_poly.entity_id   1
_entity_poly.type   'polypeptide(L)'
_entity_poly.pdbx_seq_one_letter_code
;GPLGSMTTKQTVSLFIWLPESKQKTLFISTKNHTQFELNNIIFDVTLSTELPDKEPNAIITKRTHPVGKMADEMRKYEKD
HPKVLFLESSAIHDMMSSREEINALLIKNNIPIPNSFSVKSKEEVIQLLQSKQLILPFIVKPENAQGTFNAHQMKIVLEQ
EGIDDIHFPCLCQHYINHNNKIVKVFCIGNTLKWQTRTSLPNVHRCGIKSVDFNNQHLEDILSWPEGVIDKQDIIENSAN
RFGSKILEDPILLNLTSEAEMRDLAYKVRCALGVQLCGIDFIKENEQGNPLVVDVNVFPSYGGKVDFDWFVEKVALCYTE
VAKI
;
_entity_poly.pdbx_strand_id   X
#
loop_
_chem_comp.id
_chem_comp.type
_chem_comp.name
_chem_comp.formula
ADP non-polymer ADENOSINE-5'-DIPHOSPHATE 'C10 H15 N5 O10 P2'
I4P non-polymer (1S,3R,4R,6S)-1,3,4,6-TETRAPKISPHOSPHATE 'C6 H16 O18 P4'
MG non-polymer 'MAGNESIUM ION' 'Mg 2'
#
# COMPACT_ATOMS: atom_id res chain seq x y z
N GLN A 10 -29.82 0.28 19.57
CA GLN A 10 -29.16 1.49 19.01
C GLN A 10 -28.99 1.35 17.50
N THR A 11 -28.99 2.49 16.81
CA THR A 11 -28.80 2.50 15.36
C THR A 11 -27.57 3.31 14.96
N VAL A 12 -26.84 2.80 13.98
CA VAL A 12 -25.70 3.48 13.42
C VAL A 12 -25.85 3.51 11.91
N SER A 13 -25.63 4.68 11.31
CA SER A 13 -25.65 4.83 9.87
C SER A 13 -24.22 4.92 9.34
N LEU A 14 -23.91 4.04 8.39
CA LEU A 14 -22.63 4.05 7.69
C LEU A 14 -22.89 4.39 6.24
N PHE A 15 -22.13 5.33 5.73
CA PHE A 15 -22.30 5.80 4.36
C PHE A 15 -21.01 5.53 3.61
N ILE A 16 -21.07 4.68 2.61
CA ILE A 16 -19.91 4.36 1.77
C ILE A 16 -19.90 5.26 0.55
N TRP A 17 -18.91 6.13 0.49
CA TRP A 17 -18.79 7.12 -0.57
C TRP A 17 -17.63 6.75 -1.48
N LEU A 18 -17.96 6.17 -2.62
CA LEU A 18 -16.97 5.66 -3.56
C LEU A 18 -17.37 5.92 -5.00
N PRO A 19 -16.40 6.33 -5.84
CA PRO A 19 -16.73 6.46 -7.25
C PRO A 19 -16.96 5.08 -7.87
N GLU A 20 -17.70 5.03 -8.97
CA GLU A 20 -17.96 3.77 -9.67
C GLU A 20 -16.68 2.99 -9.99
N SER A 21 -15.60 3.70 -10.33
CA SER A 21 -14.31 3.07 -10.64
C SER A 21 -13.79 2.21 -9.50
N LYS A 22 -13.89 2.72 -8.27
CA LYS A 22 -13.46 2.00 -7.08
C LYS A 22 -14.46 0.92 -6.70
N GLN A 23 -15.74 1.21 -6.86
CA GLN A 23 -16.80 0.22 -6.60
C GLN A 23 -16.59 -1.05 -7.44
N LYS A 24 -16.20 -0.85 -8.69
CA LYS A 24 -16.03 -1.95 -9.65
C LYS A 24 -14.82 -2.83 -9.33
N THR A 25 -13.71 -2.21 -8.96
CA THR A 25 -12.50 -2.96 -8.60
C THR A 25 -12.62 -3.64 -7.24
N LEU A 26 -13.32 -2.99 -6.31
CA LEU A 26 -13.45 -3.48 -4.94
C LEU A 26 -14.50 -4.58 -4.79
N PHE A 27 -15.67 -4.42 -5.41
CA PHE A 27 -16.80 -5.30 -5.14
C PHE A 27 -17.17 -6.26 -6.27
N ILE A 28 -17.54 -7.49 -5.91
CA ILE A 28 -18.17 -8.46 -6.82
C ILE A 28 -19.45 -7.85 -7.37
N SER A 29 -20.27 -7.36 -6.44
CA SER A 29 -21.54 -6.72 -6.72
C SER A 29 -21.77 -5.69 -5.63
N THR A 30 -22.77 -4.84 -5.80
CA THR A 30 -23.06 -3.80 -4.82
C THR A 30 -24.54 -3.76 -4.45
N LYS A 31 -24.84 -3.12 -3.33
CA LYS A 31 -26.20 -2.76 -2.94
C LYS A 31 -26.21 -1.28 -2.60
N ASN A 32 -27.22 -0.57 -3.09
CA ASN A 32 -27.37 0.85 -2.76
C ASN A 32 -27.71 1.05 -1.28
N HIS A 33 -28.46 0.12 -0.70
CA HIS A 33 -28.86 0.17 0.70
C HIS A 33 -28.97 -1.22 1.31
N THR A 34 -28.47 -1.36 2.54
CA THR A 34 -28.59 -2.61 3.31
C THR A 34 -28.68 -2.34 4.81
N GLN A 35 -29.42 -3.20 5.51
CA GLN A 35 -29.57 -3.09 6.96
C GLN A 35 -29.31 -4.45 7.61
N PHE A 36 -28.55 -4.45 8.70
CA PHE A 36 -28.26 -5.66 9.45
C PHE A 36 -27.99 -5.38 10.92
N GLU A 37 -28.09 -6.42 11.74
CA GLU A 37 -27.76 -6.32 13.16
C GLU A 37 -26.42 -6.99 13.44
N LEU A 38 -25.60 -6.30 14.23
CA LEU A 38 -24.33 -6.85 14.68
C LEU A 38 -24.08 -6.38 16.10
N ASN A 39 -23.90 -7.34 17.00
CA ASN A 39 -23.62 -7.08 18.42
C ASN A 39 -24.61 -6.09 19.09
N ASN A 40 -25.90 -6.35 18.87
CA ASN A 40 -27.01 -5.58 19.45
C ASN A 40 -27.16 -4.15 18.90
N ILE A 41 -26.53 -3.89 17.77
CA ILE A 41 -26.65 -2.60 17.08
C ILE A 41 -27.19 -2.81 15.66
N ILE A 42 -28.18 -2.00 15.30
CA ILE A 42 -28.72 -2.00 13.94
C ILE A 42 -27.90 -1.06 13.07
N PHE A 43 -27.29 -1.61 12.01
CA PHE A 43 -26.51 -0.83 11.07
C PHE A 43 -27.27 -0.59 9.78
N ASP A 44 -27.41 0.69 9.42
CA ASP A 44 -27.96 1.08 8.12
C ASP A 44 -26.84 1.59 7.21
N VAL A 45 -26.62 0.88 6.11
CA VAL A 45 -25.50 1.15 5.22
C VAL A 45 -25.97 1.60 3.83
N THR A 46 -25.49 2.77 3.40
CA THR A 46 -25.82 3.31 2.09
C THR A 46 -24.54 3.45 1.26
N LEU A 47 -24.62 3.11 -0.02
CA LEU A 47 -23.51 3.26 -0.95
C LEU A 47 -23.88 4.25 -2.04
N SER A 48 -23.02 5.25 -2.24
CA SER A 48 -23.25 6.29 -3.24
C SER A 48 -21.94 6.82 -3.80
N THR A 49 -22.02 7.39 -5.00
CA THR A 49 -20.88 8.07 -5.61
C THR A 49 -20.80 9.50 -5.13
N GLU A 50 -21.85 9.95 -4.44
CA GLU A 50 -21.94 11.33 -3.96
C GLU A 50 -22.03 11.38 -2.45
N LEU A 51 -21.61 12.51 -1.88
CA LEU A 51 -21.71 12.74 -0.44
C LEU A 51 -23.15 12.67 0.05
N PRO A 52 -23.34 12.29 1.33
CA PRO A 52 -24.70 12.13 1.84
C PRO A 52 -25.41 13.47 2.02
N ASP A 53 -26.68 13.49 1.64
CA ASP A 53 -27.54 14.66 1.83
C ASP A 53 -27.88 14.78 3.31
N LYS A 54 -27.93 13.63 3.99
CA LYS A 54 -28.22 13.57 5.42
C LYS A 54 -27.00 13.03 6.16
N GLU A 55 -26.68 13.64 7.29
CA GLU A 55 -25.46 13.34 8.04
C GLU A 55 -25.48 11.94 8.69
N PRO A 56 -24.52 11.06 8.32
CA PRO A 56 -24.42 9.74 8.94
C PRO A 56 -23.52 9.74 10.16
N ASN A 57 -23.39 8.59 10.83
CA ASN A 57 -22.41 8.47 11.92
C ASN A 57 -20.99 8.31 11.39
N ALA A 58 -20.85 7.69 10.23
CA ALA A 58 -19.53 7.49 9.64
C ALA A 58 -19.62 7.49 8.12
N ILE A 59 -18.57 8.00 7.49
CA ILE A 59 -18.37 7.92 6.05
C ILE A 59 -17.15 7.05 5.79
N ILE A 60 -17.35 6.08 4.91
CA ILE A 60 -16.33 5.10 4.54
C ILE A 60 -15.92 5.45 3.12
N THR A 61 -14.66 5.83 2.92
CA THR A 61 -14.26 6.40 1.65
C THR A 61 -12.77 6.26 1.35
N LYS A 62 -12.49 6.12 0.05
CA LYS A 62 -11.14 6.23 -0.47
C LYS A 62 -11.14 7.41 -1.42
N ARG A 63 -10.33 8.41 -1.11
CA ARG A 63 -10.20 9.58 -1.96
C ARG A 63 -9.38 9.15 -3.17
N THR A 64 -9.96 9.34 -4.37
CA THR A 64 -9.39 8.76 -5.60
C THR A 64 -8.05 9.39 -5.97
N HIS A 65 -7.96 10.70 -5.83
CA HIS A 65 -6.78 11.47 -6.19
C HIS A 65 -6.50 12.52 -5.12
N PRO A 66 -5.21 12.80 -4.86
CA PRO A 66 -4.82 13.77 -3.84
C PRO A 66 -5.34 15.19 -4.08
N VAL A 67 -5.55 15.54 -5.34
CA VAL A 67 -6.01 16.88 -5.73
C VAL A 67 -7.18 16.76 -6.69
N GLY A 68 -8.19 17.64 -6.54
CA GLY A 68 -9.38 17.60 -7.38
C GLY A 68 -10.68 17.72 -6.62
N LYS A 69 -11.79 17.52 -7.32
CA LYS A 69 -13.13 17.72 -6.76
C LYS A 69 -13.41 16.87 -5.52
N MET A 70 -13.09 15.58 -5.57
CA MET A 70 -13.38 14.73 -4.41
C MET A 70 -12.59 15.18 -3.20
N ALA A 71 -11.31 15.48 -3.40
CA ALA A 71 -10.48 15.97 -2.30
C ALA A 71 -11.09 17.23 -1.69
N ASP A 72 -11.54 18.15 -2.55
CA ASP A 72 -12.12 19.41 -2.11
C ASP A 72 -13.43 19.21 -1.35
N GLU A 73 -14.31 18.40 -1.93
CA GLU A 73 -15.59 18.06 -1.29
C GLU A 73 -15.39 17.42 0.07
N MET A 74 -14.40 16.53 0.15
CA MET A 74 -14.12 15.80 1.36
C MET A 74 -13.67 16.71 2.48
N ARG A 75 -12.73 17.61 2.21
CA ARG A 75 -12.23 18.50 3.25
C ARG A 75 -13.33 19.42 3.78
N LYS A 76 -14.15 19.93 2.87
CA LYS A 76 -15.27 20.80 3.24
C LYS A 76 -16.28 20.04 4.11
N TYR A 77 -16.62 18.84 3.68
CA TYR A 77 -17.57 18.04 4.42
C TYR A 77 -17.07 17.77 5.84
N GLU A 78 -15.80 17.39 5.96
CA GLU A 78 -15.23 17.07 7.27
C GLU A 78 -15.28 18.27 8.20
N LYS A 79 -14.90 19.43 7.68
CA LYS A 79 -14.88 20.65 8.49
C LYS A 79 -16.28 20.99 8.99
N ASP A 80 -17.26 20.85 8.12
CA ASP A 80 -18.63 21.27 8.40
C ASP A 80 -19.47 20.21 9.12
N HIS A 81 -18.95 18.99 9.21
CA HIS A 81 -19.64 17.91 9.93
C HIS A 81 -18.66 17.18 10.84
N PRO A 82 -18.14 17.87 11.87
CA PRO A 82 -17.06 17.31 12.71
C PRO A 82 -17.41 16.04 13.49
N LYS A 83 -18.69 15.73 13.63
CA LYS A 83 -19.11 14.54 14.38
C LYS A 83 -19.10 13.28 13.54
N VAL A 84 -18.97 13.41 12.23
CA VAL A 84 -18.93 12.25 11.34
C VAL A 84 -17.55 11.64 11.36
N LEU A 85 -17.48 10.35 11.71
CA LEU A 85 -16.21 9.64 11.66
C LEU A 85 -15.89 9.30 10.21
N PHE A 86 -14.65 9.58 9.74
CA PHE A 86 -14.28 9.20 8.39
C PHE A 86 -13.47 7.95 8.42
N LEU A 87 -13.65 6.79 7.57
CA LEU A 87 -12.73 5.69 7.32
C LEU A 87 -12.51 5.66 5.80
N GLU A 88 -11.53 6.41 5.28
CA GLU A 88 -10.52 7.15 6.04
C GLU A 88 -10.55 8.64 5.72
N SER A 89 -10.07 9.70 6.69
CA SER A 89 -10.15 11.15 6.72
C SER A 89 -9.14 11.70 5.72
N SER A 90 -9.33 12.97 5.41
CA SER A 90 -8.41 13.67 4.54
C SER A 90 -7.01 13.68 5.13
N ALA A 91 -6.90 13.88 6.44
CA ALA A 91 -5.61 13.90 7.11
C ALA A 91 -4.88 12.57 6.98
N ILE A 92 -5.60 11.47 7.13
CA ILE A 92 -5.00 10.15 6.96
C ILE A 92 -4.58 9.92 5.50
N HIS A 93 -5.44 10.27 4.54
CA HIS A 93 -5.10 10.14 3.14
C HIS A 93 -3.86 10.97 2.81
N ASP A 94 -3.80 12.19 3.36
CA ASP A 94 -2.67 13.08 3.08
C ASP A 94 -1.36 12.49 3.60
N MET A 95 -1.38 11.97 4.82
CA MET A 95 -0.19 11.35 5.37
C MET A 95 0.21 10.12 4.55
N MET A 96 -0.77 9.33 4.14
CA MET A 96 -0.49 8.10 3.41
C MET A 96 -0.18 8.37 1.93
N SER A 97 -0.28 9.62 1.52
CA SER A 97 0.15 10.02 0.18
C SER A 97 1.62 10.43 0.17
N SER A 98 2.26 10.39 1.34
CA SER A 98 3.65 10.79 1.47
C SER A 98 4.49 9.61 1.93
N ARG A 99 5.40 9.16 1.07
CA ARG A 99 6.30 8.09 1.49
C ARG A 99 7.22 8.53 2.64
N GLU A 100 7.58 9.82 2.67
CA GLU A 100 8.35 10.34 3.81
C GLU A 100 7.57 10.20 5.13
N GLU A 101 6.32 10.62 5.13
CA GLU A 101 5.54 10.63 6.36
C GLU A 101 5.22 9.22 6.86
N ILE A 102 4.93 8.31 5.92
CA ILE A 102 4.67 6.92 6.28
C ILE A 102 5.90 6.31 6.94
N ASN A 103 7.04 6.44 6.28
CA ASN A 103 8.24 5.80 6.77
C ASN A 103 8.74 6.44 8.06
N ALA A 104 8.56 7.75 8.21
CA ALA A 104 8.91 8.39 9.48
C ALA A 104 8.11 7.80 10.64
N LEU A 105 6.83 7.53 10.42
CA LEU A 105 5.99 6.95 11.47
C LEU A 105 6.35 5.51 11.74
N LEU A 106 6.69 4.76 10.71
CA LEU A 106 7.11 3.38 10.92
C LEU A 106 8.40 3.33 11.75
N ILE A 107 9.36 4.18 11.39
CA ILE A 107 10.62 4.28 12.12
C ILE A 107 10.40 4.71 13.57
N LYS A 108 9.58 5.73 13.77
CA LYS A 108 9.28 6.25 15.13
C LYS A 108 8.66 5.18 16.01
N ASN A 109 7.93 4.25 15.37
CA ASN A 109 7.24 3.22 16.09
C ASN A 109 7.94 1.87 16.05
N ASN A 110 9.21 1.87 15.67
CA ASN A 110 10.06 0.68 15.76
C ASN A 110 9.54 -0.50 14.93
N ILE A 111 9.03 -0.18 13.75
CA ILE A 111 8.55 -1.20 12.81
C ILE A 111 9.64 -1.36 11.74
N PRO A 112 10.27 -2.55 11.68
CA PRO A 112 11.30 -2.77 10.66
C PRO A 112 10.89 -2.49 9.21
N ILE A 113 11.78 -1.74 8.56
CA ILE A 113 11.69 -1.43 7.13
C ILE A 113 13.11 -1.59 6.58
N PRO A 114 13.26 -1.77 5.26
CA PRO A 114 14.61 -1.67 4.71
C PRO A 114 15.09 -0.24 4.92
N ASN A 115 16.39 -0.05 5.05
CA ASN A 115 16.93 1.26 5.38
C ASN A 115 16.48 2.30 4.34
N SER A 116 15.91 3.40 4.81
CA SER A 116 15.18 4.34 3.95
C SER A 116 15.55 5.78 4.22
N PHE A 117 15.57 6.58 3.16
CA PHE A 117 15.96 7.98 3.26
C PHE A 117 15.05 8.78 2.33
N SER A 118 14.41 9.80 2.88
CA SER A 118 13.64 10.72 2.08
C SER A 118 14.54 11.87 1.65
N VAL A 119 14.67 12.04 0.34
CA VAL A 119 15.68 12.92 -0.24
C VAL A 119 15.04 13.92 -1.19
N LYS A 120 15.66 15.09 -1.30
CA LYS A 120 15.12 16.16 -2.13
C LYS A 120 16.01 16.50 -3.33
N SER A 121 17.23 15.95 -3.37
CA SER A 121 18.18 16.26 -4.44
C SER A 121 19.29 15.22 -4.62
N LYS A 122 19.98 15.29 -5.75
CA LYS A 122 21.09 14.40 -6.03
C LYS A 122 22.27 14.57 -5.07
N GLU A 123 22.55 15.82 -4.67
CA GLU A 123 23.64 16.06 -3.72
C GLU A 123 23.41 15.30 -2.41
N GLU A 124 22.16 15.23 -1.97
CA GLU A 124 21.82 14.48 -0.76
C GLU A 124 22.08 12.99 -0.93
N VAL A 125 21.66 12.44 -2.07
CA VAL A 125 21.91 11.01 -2.38
C VAL A 125 23.42 10.71 -2.40
N ILE A 126 24.17 11.58 -3.07
CA ILE A 126 25.63 11.46 -3.12
C ILE A 126 26.24 11.40 -1.70
N GLN A 127 25.76 12.27 -0.81
CA GLN A 127 26.29 12.32 0.57
C GLN A 127 25.96 11.04 1.34
N LEU A 128 24.74 10.52 1.15
CA LEU A 128 24.34 9.26 1.80
C LEU A 128 25.15 8.06 1.31
N LEU A 129 25.48 8.04 0.02
CA LEU A 129 26.31 6.98 -0.54
C LEU A 129 27.75 7.09 -0.04
N GLN A 130 28.28 8.30 -0.08
CA GLN A 130 29.67 8.56 0.28
C GLN A 130 29.94 8.26 1.77
N SER A 131 28.95 8.53 2.63
CA SER A 131 29.06 8.26 4.07
C SER A 131 28.66 6.82 4.45
N LYS A 132 28.35 6.00 3.45
CA LYS A 132 28.01 4.57 3.63
C LYS A 132 26.73 4.34 4.46
N GLN A 133 25.81 5.29 4.36
CA GLN A 133 24.49 5.16 4.98
C GLN A 133 23.52 4.44 4.05
N LEU A 134 23.50 4.90 2.80
CA LEU A 134 22.70 4.27 1.76
C LEU A 134 23.56 3.24 1.04
N ILE A 135 23.12 1.99 1.08
CA ILE A 135 23.87 0.88 0.51
C ILE A 135 23.21 0.43 -0.81
N LEU A 136 24.03 0.25 -1.84
CA LEU A 136 23.57 -0.25 -3.14
C LEU A 136 23.25 -1.73 -3.08
N PRO A 137 22.29 -2.21 -3.91
CA PRO A 137 21.40 -1.42 -4.74
C PRO A 137 20.29 -0.80 -3.88
N PHE A 138 19.63 0.23 -4.41
CA PHE A 138 18.47 0.80 -3.74
C PHE A 138 17.38 1.10 -4.73
N ILE A 139 16.14 1.01 -4.27
CA ILE A 139 14.99 1.37 -5.05
C ILE A 139 14.62 2.82 -4.74
N VAL A 140 14.23 3.54 -5.78
CA VAL A 140 13.84 4.93 -5.70
C VAL A 140 12.36 5.01 -5.95
N LYS A 141 11.61 5.44 -4.94
CA LYS A 141 10.17 5.55 -5.03
C LYS A 141 9.77 7.03 -4.95
N PRO A 142 8.80 7.45 -5.76
CA PRO A 142 8.38 8.86 -5.66
C PRO A 142 7.92 9.24 -4.26
N GLU A 143 8.12 10.49 -3.87
CA GLU A 143 7.57 10.95 -2.59
C GLU A 143 6.03 10.84 -2.57
N ASN A 144 5.40 11.16 -3.69
CA ASN A 144 3.95 11.01 -3.82
C ASN A 144 3.62 9.52 -3.98
N ALA A 145 2.74 9.04 -3.11
CA ALA A 145 2.57 7.60 -2.92
C ALA A 145 1.29 7.01 -3.52
N GLN A 146 0.33 7.87 -3.88
CA GLN A 146 -1.02 7.38 -4.17
C GLN A 146 -1.79 8.25 -5.16
N GLY A 147 -2.49 7.58 -6.08
CA GLY A 147 -3.52 8.25 -6.88
C GLY A 147 -3.12 8.75 -8.26
N THR A 148 -1.88 8.47 -8.66
CA THR A 148 -1.40 8.80 -10.01
C THR A 148 -0.51 7.68 -10.54
N PHE A 149 -0.39 7.58 -11.87
CA PHE A 149 0.54 6.64 -12.52
C PHE A 149 1.97 6.89 -12.04
N ASN A 150 2.35 8.16 -12.00
CA ASN A 150 3.70 8.57 -11.61
C ASN A 150 4.07 8.17 -10.18
N ALA A 151 3.07 8.02 -9.31
CA ALA A 151 3.31 7.62 -7.91
C ALA A 151 3.95 6.23 -7.81
N HIS A 152 3.88 5.46 -8.89
CA HIS A 152 4.31 4.07 -8.92
C HIS A 152 5.49 3.84 -9.88
N GLN A 153 6.11 4.93 -10.31
CA GLN A 153 7.22 4.89 -11.24
C GLN A 153 8.54 4.78 -10.48
N MET A 154 9.16 3.60 -10.56
CA MET A 154 10.31 3.25 -9.73
C MET A 154 11.61 3.12 -10.52
N LYS A 155 12.73 3.35 -9.86
CA LYS A 155 14.04 3.08 -10.44
C LYS A 155 14.81 2.25 -9.44
N ILE A 156 15.51 1.22 -9.91
CA ILE A 156 16.47 0.50 -9.07
C ILE A 156 17.87 0.93 -9.49
N VAL A 157 18.56 1.55 -8.54
CA VAL A 157 19.90 2.03 -8.75
C VAL A 157 20.87 0.94 -8.31
N LEU A 158 21.67 0.47 -9.27
CA LEU A 158 22.58 -0.65 -9.07
C LEU A 158 24.02 -0.18 -8.83
N GLU A 159 24.35 0.99 -9.37
CA GLU A 159 25.68 1.58 -9.20
C GLU A 159 25.51 3.07 -8.96
N GLN A 160 26.54 3.72 -8.42
CA GLN A 160 26.48 5.16 -8.12
C GLN A 160 26.08 6.01 -9.34
N GLU A 161 26.56 5.61 -10.52
CA GLU A 161 26.24 6.33 -11.77
C GLU A 161 24.76 6.28 -12.13
N GLY A 162 24.04 5.32 -11.55
CA GLY A 162 22.62 5.14 -11.83
C GLY A 162 21.71 6.19 -11.22
N ILE A 163 22.27 7.13 -10.47
CA ILE A 163 21.49 8.18 -9.83
C ILE A 163 21.12 9.34 -10.76
N ASP A 164 21.77 9.39 -11.94
CA ASP A 164 21.72 10.59 -12.78
C ASP A 164 20.32 11.09 -13.15
N ASP A 165 19.42 10.17 -13.45
CA ASP A 165 18.08 10.52 -13.91
C ASP A 165 16.98 10.39 -12.84
N ILE A 166 17.35 10.31 -11.57
CA ILE A 166 16.36 10.21 -10.49
C ILE A 166 15.41 11.42 -10.51
N HIS A 167 14.12 11.16 -10.32
CA HIS A 167 13.13 12.22 -10.11
C HIS A 167 12.99 12.50 -8.61
N PHE A 168 13.17 13.77 -8.23
CA PHE A 168 13.06 14.22 -6.83
C PHE A 168 11.80 15.07 -6.62
N PRO A 169 11.26 15.08 -5.39
CA PRO A 169 11.71 14.35 -4.21
C PRO A 169 11.32 12.87 -4.25
N CYS A 170 12.04 12.06 -3.49
CA CYS A 170 11.82 10.63 -3.55
C CYS A 170 12.32 9.93 -2.30
N LEU A 171 11.88 8.69 -2.13
CA LEU A 171 12.38 7.81 -1.09
C LEU A 171 13.43 6.88 -1.71
N CYS A 172 14.64 6.87 -1.14
CA CYS A 172 15.66 5.89 -1.51
C CYS A 172 15.67 4.84 -0.44
N GLN A 173 15.42 3.59 -0.84
CA GLN A 173 15.27 2.51 0.11
C GLN A 173 16.15 1.35 -0.32
N HIS A 174 16.97 0.83 0.58
CA HIS A 174 17.85 -0.26 0.25
C HIS A 174 17.05 -1.40 -0.36
N TYR A 175 17.56 -1.93 -1.47
CA TYR A 175 16.90 -3.02 -2.19
C TYR A 175 17.23 -4.34 -1.52
N ILE A 176 16.18 -5.08 -1.19
CA ILE A 176 16.32 -6.37 -0.54
C ILE A 176 16.07 -7.48 -1.54
N ASN A 177 17.02 -8.41 -1.67
CA ASN A 177 16.76 -9.63 -2.43
C ASN A 177 15.88 -10.53 -1.56
N HIS A 178 14.63 -10.68 -1.97
CA HIS A 178 13.62 -11.30 -1.13
C HIS A 178 13.00 -12.52 -1.83
N ASN A 179 13.70 -13.03 -2.84
CA ASN A 179 13.28 -14.21 -3.61
C ASN A 179 11.90 -14.06 -4.23
N ASN A 180 11.56 -12.84 -4.62
CA ASN A 180 10.40 -12.61 -5.48
C ASN A 180 9.09 -13.04 -4.84
N LYS A 181 8.95 -12.81 -3.53
CA LYS A 181 7.72 -13.09 -2.81
C LYS A 181 7.40 -11.92 -1.89
N ILE A 182 6.17 -11.44 -1.94
CA ILE A 182 5.73 -10.36 -1.09
C ILE A 182 4.47 -10.79 -0.36
N VAL A 183 4.39 -10.47 0.92
CA VAL A 183 3.20 -10.76 1.70
C VAL A 183 2.36 -9.50 1.77
N LYS A 184 1.09 -9.66 1.43
CA LYS A 184 0.13 -8.59 1.46
C LYS A 184 -0.86 -8.84 2.57
N VAL A 185 -0.96 -7.89 3.50
CA VAL A 185 -1.90 -8.01 4.61
C VAL A 185 -2.89 -6.87 4.47
N PHE A 186 -4.16 -7.21 4.30
CA PHE A 186 -5.23 -6.22 4.18
C PHE A 186 -6.00 -6.16 5.50
N CYS A 187 -6.27 -4.94 5.97
CA CYS A 187 -6.96 -4.74 7.26
C CYS A 187 -8.25 -3.97 7.11
N ILE A 188 -9.29 -4.44 7.78
CA ILE A 188 -10.46 -3.63 8.11
C ILE A 188 -10.46 -3.59 9.64
N GLY A 189 -9.73 -2.64 10.22
CA GLY A 189 -9.48 -2.68 11.65
C GLY A 189 -8.76 -3.98 11.99
N ASN A 190 -9.29 -4.70 12.98
CA ASN A 190 -8.70 -5.97 13.43
C ASN A 190 -8.95 -7.16 12.51
N THR A 191 -9.85 -7.01 11.54
CA THR A 191 -10.13 -8.07 10.58
C THR A 191 -9.08 -8.06 9.48
N LEU A 192 -8.42 -9.20 9.29
CA LEU A 192 -7.35 -9.30 8.28
C LEU A 192 -7.66 -10.29 7.17
N LYS A 193 -7.13 -10.00 5.99
CA LYS A 193 -7.06 -10.91 4.86
C LYS A 193 -5.63 -10.83 4.36
N TRP A 194 -5.02 -11.97 4.05
CA TRP A 194 -3.61 -11.94 3.59
C TRP A 194 -3.39 -12.85 2.39
N GLN A 195 -2.32 -12.59 1.67
CA GLN A 195 -1.91 -13.42 0.55
C GLN A 195 -0.42 -13.22 0.28
N THR A 196 0.14 -14.12 -0.53
CA THR A 196 1.47 -13.97 -1.10
C THR A 196 1.32 -13.70 -2.58
N ARG A 197 2.17 -12.80 -3.10
CA ARG A 197 2.27 -12.60 -4.54
C ARG A 197 3.72 -12.61 -4.96
N THR A 198 3.96 -12.78 -6.25
CA THR A 198 5.28 -12.46 -6.79
C THR A 198 5.51 -10.96 -6.60
N SER A 199 6.73 -10.54 -6.77
CA SER A 199 7.17 -9.25 -6.28
C SER A 199 8.13 -8.69 -7.35
N LEU A 200 9.42 -8.59 -7.02
CA LEU A 200 10.44 -8.32 -8.02
C LEU A 200 11.50 -9.40 -7.86
N PRO A 201 12.19 -9.73 -8.96
CA PRO A 201 13.27 -10.71 -8.85
C PRO A 201 14.44 -10.18 -8.03
N ASN A 202 15.23 -11.10 -7.50
CA ASN A 202 16.55 -10.76 -6.99
C ASN A 202 17.35 -10.09 -8.11
N VAL A 203 18.10 -9.05 -7.76
CA VAL A 203 18.89 -8.34 -8.76
C VAL A 203 20.38 -8.56 -8.56
N HIS A 204 21.11 -8.39 -9.66
CA HIS A 204 22.55 -8.59 -9.74
C HIS A 204 23.23 -7.33 -10.22
N ARG A 205 24.33 -6.98 -9.56
CA ARG A 205 25.10 -5.79 -9.92
C ARG A 205 26.17 -6.19 -10.93
N CYS A 206 25.74 -6.38 -12.17
CA CYS A 206 26.62 -6.90 -13.22
C CYS A 206 27.33 -5.81 -14.02
N GLY A 207 27.07 -4.54 -13.68
CA GLY A 207 27.67 -3.42 -14.40
C GLY A 207 26.64 -2.43 -14.88
N ILE A 208 25.42 -2.91 -15.12
CA ILE A 208 24.30 -2.03 -15.47
C ILE A 208 24.06 -1.04 -14.32
N LYS A 209 23.86 0.23 -14.64
CA LYS A 209 23.83 1.25 -13.58
C LYS A 209 22.47 1.40 -12.90
N SER A 210 21.39 1.16 -13.64
CA SER A 210 20.04 1.29 -13.09
C SER A 210 19.07 0.63 -14.05
N VAL A 211 17.89 0.29 -13.55
CA VAL A 211 16.77 -0.16 -14.37
C VAL A 211 15.51 0.53 -13.85
N ASP A 212 14.47 0.54 -14.68
CA ASP A 212 13.24 1.25 -14.35
C ASP A 212 12.04 0.37 -14.53
N PHE A 213 11.01 0.61 -13.72
CA PHE A 213 9.74 -0.07 -13.93
C PHE A 213 8.64 0.74 -13.27
N ASN A 214 7.44 0.68 -13.83
CA ASN A 214 6.28 1.16 -13.11
C ASN A 214 5.61 -0.05 -12.48
N ASN A 215 5.25 0.05 -11.20
CA ASN A 215 4.64 -1.09 -10.50
C ASN A 215 3.29 -1.52 -11.08
N GLN A 216 2.66 -0.64 -11.85
CA GLN A 216 1.43 -0.96 -12.57
C GLN A 216 1.70 -1.57 -13.96
N HIS A 217 2.97 -1.55 -14.38
CA HIS A 217 3.38 -2.04 -15.70
C HIS A 217 4.59 -2.94 -15.55
N LEU A 218 4.42 -4.05 -14.84
CA LEU A 218 5.58 -4.90 -14.51
C LEU A 218 6.23 -5.57 -15.73
N GLU A 219 5.51 -5.58 -16.87
CA GLU A 219 6.10 -6.02 -18.13
C GLU A 219 7.34 -5.20 -18.52
N ASP A 220 7.50 -4.02 -17.93
CA ASP A 220 8.74 -3.24 -18.09
C ASP A 220 9.98 -4.07 -17.82
N ILE A 221 9.86 -5.05 -16.91
CA ILE A 221 11.00 -5.85 -16.49
C ILE A 221 11.52 -6.75 -17.63
N LEU A 222 10.64 -7.08 -18.57
CA LEU A 222 11.04 -7.88 -19.74
C LEU A 222 12.11 -7.18 -20.57
N SER A 223 12.19 -5.86 -20.42
CA SER A 223 13.12 -5.04 -21.21
C SER A 223 14.42 -4.72 -20.48
N TRP A 224 14.57 -5.17 -19.25
CA TRP A 224 15.83 -4.91 -18.53
C TRP A 224 17.01 -5.57 -19.24
N PRO A 225 18.18 -4.92 -19.20
CA PRO A 225 19.36 -5.50 -19.85
C PRO A 225 19.76 -6.83 -19.24
N GLU A 226 20.35 -7.69 -20.07
CA GLU A 226 20.85 -8.97 -19.63
C GLU A 226 21.83 -8.80 -18.48
N GLY A 227 21.71 -9.70 -17.49
CA GLY A 227 22.61 -9.71 -16.35
C GLY A 227 22.05 -9.17 -15.06
N VAL A 228 21.03 -8.32 -15.15
CA VAL A 228 20.40 -7.79 -13.93
C VAL A 228 19.63 -8.89 -13.21
N ILE A 229 18.94 -9.72 -13.98
CA ILE A 229 18.15 -10.85 -13.48
C ILE A 229 18.83 -12.15 -13.90
N ASP A 230 18.94 -13.11 -12.98
CA ASP A 230 19.45 -14.44 -13.30
C ASP A 230 18.62 -15.07 -14.42
N LYS A 231 19.27 -15.78 -15.33
CA LYS A 231 18.59 -16.41 -16.47
C LYS A 231 17.46 -17.34 -16.06
N GLN A 232 17.63 -18.05 -14.95
CA GLN A 232 16.57 -18.94 -14.47
C GLN A 232 15.36 -18.16 -13.95
N ASP A 233 15.61 -17.01 -13.33
CA ASP A 233 14.51 -16.14 -12.90
C ASP A 233 13.77 -15.55 -14.10
N ILE A 234 14.49 -15.28 -15.18
CA ILE A 234 13.82 -14.85 -16.42
C ILE A 234 12.92 -15.98 -16.95
N ILE A 235 13.43 -17.20 -16.96
CA ILE A 235 12.65 -18.36 -17.41
C ILE A 235 11.40 -18.51 -16.54
N GLU A 236 11.57 -18.45 -15.24
CA GLU A 236 10.45 -18.71 -14.33
C GLU A 236 9.35 -17.64 -14.32
N ASN A 237 9.67 -16.43 -14.76
CA ASN A 237 8.71 -15.32 -14.65
C ASN A 237 8.26 -14.66 -15.96
N SER A 238 8.91 -15.03 -17.06
CA SER A 238 8.65 -14.34 -18.34
C SER A 238 7.29 -14.66 -18.93
N ALA A 239 6.81 -15.89 -18.73
CA ALA A 239 5.50 -16.27 -19.26
C ALA A 239 4.38 -15.41 -18.68
N ASN A 240 4.52 -14.99 -17.42
CA ASN A 240 3.53 -14.11 -16.82
C ASN A 240 3.87 -12.63 -16.98
N ARG A 241 4.89 -12.34 -17.78
CA ARG A 241 5.34 -10.96 -18.04
C ARG A 241 5.73 -10.24 -16.73
N PHE A 242 6.27 -10.99 -15.78
CA PHE A 242 6.66 -10.50 -14.46
C PHE A 242 5.50 -9.89 -13.67
N GLY A 243 4.26 -10.16 -14.08
CA GLY A 243 3.08 -9.64 -13.41
C GLY A 243 2.96 -10.10 -11.97
N SER A 244 2.24 -9.33 -11.17
CA SER A 244 2.02 -9.61 -9.76
C SER A 244 1.04 -10.77 -9.63
N LYS A 245 1.58 -11.98 -9.48
CA LYS A 245 0.82 -13.23 -9.53
C LYS A 245 0.60 -13.76 -8.12
N ILE A 246 -0.61 -14.26 -7.85
CA ILE A 246 -0.90 -14.90 -6.57
C ILE A 246 -0.09 -16.17 -6.41
N LEU A 247 0.44 -16.37 -5.21
CA LEU A 247 1.17 -17.57 -4.86
C LEU A 247 0.44 -18.27 -3.72
N GLU A 248 1.03 -19.34 -3.21
CA GLU A 248 0.45 -20.05 -2.07
C GLU A 248 0.42 -19.16 -0.83
N ASP A 249 -0.46 -19.51 0.09
CA ASP A 249 -0.64 -18.79 1.34
C ASP A 249 0.70 -18.63 2.06
N PRO A 250 0.96 -17.43 2.63
CA PRO A 250 2.28 -17.16 3.18
C PRO A 250 2.63 -17.97 4.42
N ILE A 251 1.63 -18.44 5.16
CA ILE A 251 1.88 -19.36 6.27
C ILE A 251 2.29 -20.73 5.73
N LEU A 252 1.56 -21.21 4.73
CA LEU A 252 1.91 -22.50 4.12
C LEU A 252 3.29 -22.48 3.48
N LEU A 253 3.69 -21.32 2.98
CA LEU A 253 5.03 -21.13 2.41
C LEU A 253 6.14 -20.97 3.45
N ASN A 254 5.77 -20.98 4.74
CA ASN A 254 6.70 -20.76 5.85
C ASN A 254 7.36 -19.38 5.81
N LEU A 255 6.68 -18.42 5.19
CA LEU A 255 7.17 -17.05 5.13
C LEU A 255 6.86 -16.27 6.40
N THR A 256 5.73 -16.58 7.02
CA THR A 256 5.25 -15.85 8.18
C THR A 256 4.25 -16.72 8.94
N SER A 257 3.67 -16.16 9.99
CA SER A 257 2.66 -16.82 10.79
C SER A 257 1.49 -15.87 10.96
N GLU A 258 0.33 -16.42 11.30
CA GLU A 258 -0.84 -15.61 11.58
C GLU A 258 -0.55 -14.62 12.71
N ALA A 259 0.09 -15.09 13.79
CA ALA A 259 0.41 -14.22 14.91
C ALA A 259 1.34 -13.07 14.49
N GLU A 260 2.33 -13.39 13.65
CA GLU A 260 3.23 -12.34 13.16
C GLU A 260 2.47 -11.28 12.34
N MET A 261 1.61 -11.73 11.44
CA MET A 261 0.84 -10.80 10.61
C MET A 261 -0.09 -9.94 11.47
N ARG A 262 -0.74 -10.54 12.46
CA ARG A 262 -1.64 -9.79 13.34
C ARG A 262 -0.90 -8.75 14.17
N ASP A 263 0.27 -9.14 14.67
CA ASP A 263 1.11 -8.27 15.48
C ASP A 263 1.58 -7.08 14.64
N LEU A 264 2.12 -7.38 13.47
CA LEU A 264 2.60 -6.34 12.56
C LEU A 264 1.48 -5.39 12.16
N ALA A 265 0.35 -5.95 11.76
CA ALA A 265 -0.78 -5.13 11.31
C ALA A 265 -1.26 -4.20 12.43
N TYR A 266 -1.34 -4.72 13.65
CA TYR A 266 -1.75 -3.89 14.79
C TYR A 266 -0.76 -2.74 15.02
N LYS A 267 0.54 -3.07 14.99
CA LYS A 267 1.57 -2.06 15.16
C LYS A 267 1.49 -0.97 14.09
N VAL A 268 1.29 -1.38 12.83
CA VAL A 268 1.20 -0.42 11.74
C VAL A 268 -0.05 0.47 11.89
N ARG A 269 -1.19 -0.16 12.19
CA ARG A 269 -2.44 0.60 12.36
C ARG A 269 -2.30 1.63 13.49
N CYS A 270 -1.68 1.23 14.60
CA CYS A 270 -1.48 2.15 15.71
C CYS A 270 -0.51 3.27 15.34
N ALA A 271 0.58 2.93 14.66
CA ALA A 271 1.57 3.92 14.23
C ALA A 271 0.97 4.98 13.29
N LEU A 272 0.11 4.53 12.38
CA LEU A 272 -0.43 5.41 11.34
C LEU A 272 -1.82 5.96 11.66
N GLY A 273 -2.48 5.41 12.68
CA GLY A 273 -3.83 5.85 13.04
C GLY A 273 -4.87 5.51 11.98
N VAL A 274 -4.66 4.38 11.31
CA VAL A 274 -5.49 3.95 10.18
C VAL A 274 -6.19 2.63 10.48
N GLN A 275 -7.40 2.48 9.98
CA GLN A 275 -8.15 1.24 10.13
C GLN A 275 -8.20 0.46 8.81
N LEU A 276 -8.43 1.15 7.70
CA LEU A 276 -8.60 0.49 6.40
C LEU A 276 -7.30 0.66 5.65
N CYS A 277 -6.51 -0.40 5.56
CA CYS A 277 -5.18 -0.28 4.96
C CYS A 277 -4.71 -1.62 4.42
N GLY A 278 -3.68 -1.54 3.58
CA GLY A 278 -2.94 -2.70 3.11
C GLY A 278 -1.49 -2.51 3.46
N ILE A 279 -0.86 -3.58 3.91
CA ILE A 279 0.55 -3.57 4.29
C ILE A 279 1.28 -4.57 3.40
N ASP A 280 2.37 -4.15 2.76
CA ASP A 280 3.23 -5.04 1.98
C ASP A 280 4.51 -5.29 2.76
N PHE A 281 4.89 -6.55 2.95
CA PHE A 281 6.21 -6.83 3.53
C PHE A 281 6.95 -7.94 2.83
N ILE A 282 8.25 -7.85 2.89
CA ILE A 282 9.15 -8.83 2.30
C ILE A 282 10.12 -9.32 3.38
N LYS A 283 10.84 -10.40 3.08
CA LYS A 283 11.88 -10.89 3.98
C LYS A 283 13.14 -11.15 3.16
N GLU A 284 14.28 -10.72 3.68
CA GLU A 284 15.55 -10.94 2.99
C GLU A 284 15.83 -12.43 2.92
N ASN A 285 16.01 -12.93 1.69
CA ASN A 285 16.16 -14.37 1.47
C ASN A 285 15.06 -15.18 2.16
N GLU A 286 13.85 -14.60 2.23
CA GLU A 286 12.67 -15.21 2.85
C GLU A 286 12.77 -15.49 4.35
N GLN A 287 13.76 -14.91 5.01
CA GLN A 287 13.99 -15.22 6.42
C GLN A 287 14.13 -13.95 7.23
N GLY A 288 13.91 -14.08 8.54
CA GLY A 288 14.14 -12.98 9.47
C GLY A 288 12.92 -12.10 9.64
N ASN A 289 13.17 -10.85 10.05
CA ASN A 289 12.10 -9.89 10.33
C ASN A 289 11.30 -9.56 9.07
N PRO A 290 9.97 -9.40 9.22
CA PRO A 290 9.23 -8.76 8.13
C PRO A 290 9.77 -7.37 7.92
N LEU A 291 9.94 -6.99 6.65
CA LEU A 291 10.38 -5.64 6.31
C LEU A 291 9.25 -4.96 5.56
N VAL A 292 8.63 -3.96 6.17
CA VAL A 292 7.51 -3.28 5.53
C VAL A 292 8.01 -2.38 4.43
N VAL A 293 7.49 -2.59 3.23
CA VAL A 293 7.91 -1.80 2.06
C VAL A 293 6.83 -0.84 1.56
N ASP A 294 5.59 -1.01 2.02
CA ASP A 294 4.49 -0.19 1.54
C ASP A 294 3.31 -0.30 2.50
N VAL A 295 2.65 0.82 2.73
CA VAL A 295 1.36 0.82 3.42
C VAL A 295 0.43 1.72 2.62
N ASN A 296 -0.73 1.17 2.27
CA ASN A 296 -1.70 1.81 1.40
C ASN A 296 -3.02 2.04 2.13
N VAL A 297 -3.65 3.18 1.87
CA VAL A 297 -4.95 3.46 2.44
C VAL A 297 -6.03 2.73 1.63
N PHE A 298 -7.00 2.14 2.34
CA PHE A 298 -8.21 1.57 1.73
C PHE A 298 -7.91 0.90 0.37
N PRO A 299 -7.19 -0.24 0.39
CA PRO A 299 -6.80 -0.95 -0.83
C PRO A 299 -7.96 -1.75 -1.45
N SER A 300 -7.64 -2.67 -2.37
CA SER A 300 -8.65 -3.47 -3.08
C SER A 300 -9.00 -4.78 -2.38
N TYR A 301 -8.25 -5.13 -1.34
CA TYR A 301 -8.52 -6.32 -0.53
C TYR A 301 -8.45 -7.63 -1.32
N GLY A 302 -7.59 -7.63 -2.34
CA GLY A 302 -7.50 -8.79 -3.24
C GLY A 302 -8.37 -8.65 -4.48
N GLY A 303 -9.20 -7.61 -4.50
CA GLY A 303 -10.09 -7.34 -5.63
C GLY A 303 -11.35 -8.18 -5.59
N LYS A 304 -12.45 -7.60 -6.09
CA LYS A 304 -13.72 -8.31 -6.24
C LYS A 304 -14.12 -9.03 -4.95
N VAL A 305 -14.27 -8.25 -3.87
CA VAL A 305 -14.70 -8.81 -2.59
C VAL A 305 -16.22 -8.79 -2.42
N ASP A 306 -16.70 -9.59 -1.48
CA ASP A 306 -18.11 -9.70 -1.16
C ASP A 306 -18.59 -8.43 -0.45
N PHE A 307 -19.60 -7.78 -1.03
CA PHE A 307 -20.14 -6.54 -0.48
C PHE A 307 -20.63 -6.68 0.95
N ASP A 308 -21.40 -7.73 1.21
CA ASP A 308 -21.94 -7.97 2.54
C ASP A 308 -20.85 -8.21 3.57
N TRP A 309 -19.82 -8.97 3.19
CA TRP A 309 -18.63 -9.20 4.03
C TRP A 309 -17.97 -7.88 4.42
N PHE A 310 -17.69 -7.07 3.41
CA PHE A 310 -17.02 -5.79 3.61
C PHE A 310 -17.76 -4.90 4.60
N VAL A 311 -19.07 -4.74 4.39
CA VAL A 311 -19.84 -3.84 5.25
C VAL A 311 -19.99 -4.33 6.69
N GLU A 312 -20.10 -5.65 6.88
CA GLU A 312 -20.14 -6.23 8.23
C GLU A 312 -18.84 -5.96 8.98
N LYS A 313 -17.71 -6.15 8.30
CA LYS A 313 -16.40 -5.95 8.92
C LYS A 313 -16.13 -4.46 9.20
N VAL A 314 -16.62 -3.59 8.32
CA VAL A 314 -16.57 -2.15 8.58
C VAL A 314 -17.40 -1.79 9.82
N ALA A 315 -18.59 -2.38 9.95
CA ALA A 315 -19.42 -2.17 11.14
C ALA A 315 -18.75 -2.65 12.42
N LEU A 316 -18.13 -3.83 12.34
CA LEU A 316 -17.38 -4.37 13.48
C LEU A 316 -16.28 -3.39 13.90
N CYS A 317 -15.52 -2.91 12.92
CA CYS A 317 -14.49 -1.91 13.14
C CYS A 317 -15.06 -0.66 13.80
N TYR A 318 -16.17 -0.16 13.26
CA TYR A 318 -16.84 1.01 13.84
C TYR A 318 -17.12 0.82 15.33
N THR A 319 -17.62 -0.35 15.72
CA THR A 319 -17.95 -0.61 17.13
C THR A 319 -16.71 -0.59 18.03
N GLU A 320 -15.59 -1.04 17.48
CA GLU A 320 -14.34 -1.15 18.23
C GLU A 320 -13.62 0.19 18.26
MG MG B . 2.85 -1.91 -3.02
MG MG C . 1.69 1.80 -2.15
PB ADP D . 3.65 1.10 -4.57
O1B ADP D . 3.71 1.80 -5.89
O2B ADP D . 3.25 1.95 -3.38
O3B ADP D . 2.87 -0.18 -4.61
PA ADP D . 5.89 -0.38 -3.39
O1A ADP D . 6.62 0.31 -2.29
O2A ADP D . 4.91 -1.46 -3.03
O3A ADP D . 5.20 0.71 -4.35
O5' ADP D . 7.03 -0.95 -4.36
C5' ADP D . 6.67 -1.58 -5.59
C4' ADP D . 7.25 -2.99 -5.62
O4' ADP D . 8.67 -2.93 -5.54
C3' ADP D . 6.84 -3.89 -4.46
O3' ADP D . 5.63 -4.60 -4.74
C2' ADP D . 7.97 -4.87 -4.37
O2' ADP D . 7.86 -5.86 -5.39
C1' ADP D . 9.15 -4.02 -4.73
N9 ADP D . 9.87 -3.39 -3.60
C8 ADP D . 9.48 -2.31 -2.89
N7 ADP D . 10.41 -1.94 -1.97
C5 ADP D . 11.41 -2.83 -2.11
C6 ADP D . 12.73 -3.02 -1.49
N6 ADP D . 13.14 -2.21 -0.50
N1 ADP D . 13.49 -4.04 -1.93
C2 ADP D . 13.08 -4.85 -2.92
N3 ADP D . 11.91 -4.75 -3.57
C4 ADP D . 11.07 -3.76 -3.20
O41 I4P E . -3.07 -3.67 -2.58
P1 I4P E . -4.06 -3.91 -3.82
O21 I4P E . -3.65 -5.34 -4.45
O31 I4P E . -5.44 -3.86 -3.31
O11 I4P E . -3.71 -2.81 -4.95
C1 I4P E . -3.89 -1.44 -4.64
C2 I4P E . -5.06 -0.88 -5.47
O16 I4P E . -4.86 -1.18 -6.86
C3 I4P E . -5.23 0.64 -5.28
O15 I4P E . -6.19 1.12 -6.22
P5 I4P E . -7.78 1.23 -5.91
O45 I4P E . -8.37 -0.27 -6.04
O25 I4P E . -7.93 1.64 -4.36
O35 I4P E . -8.42 2.21 -6.82
C4 I4P E . -3.92 1.41 -5.50
O14 I4P E . -4.10 2.77 -5.11
P4 I4P E . -3.89 4.00 -6.15
O44 I4P E . -4.97 5.09 -5.64
O24 I4P E . -2.46 4.64 -5.82
O34 I4P E . -4.03 3.60 -7.56
C5 I4P E . -2.75 0.83 -4.70
O13 I4P E . -1.55 1.47 -5.11
C6 I4P E . -2.58 -0.69 -4.89
O12 I4P E . -1.61 -1.13 -3.95
P2 I4P E . -0.44 -2.22 -4.26
O42 I4P E . -0.34 -2.48 -5.86
O22 I4P E . -1.05 -3.59 -3.72
O32 I4P E . 0.82 -1.89 -3.56
#